data_4BKY
#
_entry.id   4BKY
#
_cell.length_a   59.979
_cell.length_b   64.266
_cell.length_c   92.649
_cell.angle_alpha   90.00
_cell.angle_beta   90.00
_cell.angle_gamma   90.00
#
_symmetry.space_group_name_H-M   'P 21 21 21'
#
loop_
_entity.id
_entity.type
_entity.pdbx_description
1 polymer 'MATERNAL EMBRYONIC LEUCINE ZIPPER KINASE'
2 non-polymer "3'-{[(4-bromo-1-methyl-1H-pyrrol-2-yl)carbonyl]amino}-N-[(1S)-1-phenyl-2-(pyrrolidin-1-yl)ethyl]-1',4'-dihydro-5'H-spiro[cyclopropane-1,6'-pyrrolo[3,4-c]pyrazole]-5'-carboxamide"
3 non-polymer 'UNKNOWN ATOM OR ION'
4 water water
#
_entity_poly.entity_id   1
_entity_poly.type   'polypeptide(L)'
_entity_poly.pdbx_seq_one_letter_code
;GPKDYDELLKYYELHETIGTGGFAKVKLACHILTGEMVAIKIMDKNTLGSDLPRIKTEIEALKNLRHQHICQLYHVLETA
NKIFMVLEYCPGGELFDYIISQDRLSEEETRVVFRQIVSAVAYVHSQGYAHRDLKPENLLFDEYHKLKLIDFGLCAKPKG
NKDYHLQTCCGSLAYAAPELIQGKSYLGSEADVWSMGILLYVLMCGFLPFDDDNVMALYKKIMRGKYDVPKWLSPSSILL
LQQMLQVDPKKRISMKNLLNHPWIMQDYNYPVEWQSKNPFIHLDDDCVTELSVHHRNNRQTMEDLISLWQYDHLTATYLL
LLAKKARGKPVRLRLSSFSCGHHHHHH
;
_entity_poly.pdbx_strand_id   A
#
# COMPACT_ATOMS: atom_id res chain seq x y z
N ASP A 4 13.08 5.82 -23.01
CA ASP A 4 11.87 5.35 -23.76
C ASP A 4 11.49 3.90 -23.46
N TYR A 5 10.57 3.35 -24.25
CA TYR A 5 9.92 2.07 -23.95
C TYR A 5 10.65 0.82 -24.46
N ASP A 6 11.74 1.03 -25.20
CA ASP A 6 12.53 -0.10 -25.73
C ASP A 6 13.11 -0.97 -24.61
N GLU A 7 13.62 -0.34 -23.57
CA GLU A 7 14.19 -1.07 -22.45
C GLU A 7 13.14 -1.88 -21.68
N LEU A 8 11.96 -1.29 -21.48
CA LEU A 8 10.88 -1.95 -20.78
C LEU A 8 10.30 -3.12 -21.57
N LEU A 9 10.17 -2.91 -22.88
CA LEU A 9 9.56 -3.91 -23.75
C LEU A 9 10.44 -5.15 -23.94
N LYS A 10 11.68 -5.09 -23.46
CA LYS A 10 12.55 -6.28 -23.42
C LYS A 10 11.98 -7.33 -22.48
N TYR A 11 11.36 -6.86 -21.40
CA TYR A 11 10.96 -7.73 -20.29
C TYR A 11 9.45 -7.83 -20.04
N TYR A 12 8.68 -6.86 -20.56
CA TYR A 12 7.24 -6.78 -20.30
C TYR A 12 6.44 -6.58 -21.57
N GLU A 13 5.28 -7.23 -21.64
CA GLU A 13 4.22 -6.89 -22.61
C GLU A 13 3.31 -5.86 -21.95
N LEU A 14 3.14 -4.71 -22.55
CA LEU A 14 2.36 -3.64 -21.97
C LEU A 14 0.92 -3.71 -22.39
N HIS A 15 0.04 -3.62 -21.41
CA HIS A 15 -1.38 -3.50 -21.62
C HIS A 15 -1.91 -2.14 -21.30
N GLU A 16 -3.18 -2.07 -20.98
CA GLU A 16 -3.85 -0.81 -20.84
C GLU A 16 -3.44 -0.02 -19.62
N THR A 17 -3.61 1.29 -19.71
CA THR A 17 -3.48 2.19 -18.58
C THR A 17 -4.62 1.92 -17.58
N ILE A 18 -4.25 1.67 -16.33
CA ILE A 18 -5.25 1.38 -15.29
C ILE A 18 -5.38 2.53 -14.30
N GLY A 19 -4.51 3.53 -14.42
CA GLY A 19 -4.56 4.70 -13.56
C GLY A 19 -3.72 5.86 -14.05
N THR A 20 -4.20 7.06 -13.75
CA THR A 20 -3.47 8.29 -14.04
C THR A 20 -3.35 9.14 -12.78
N GLY A 21 -2.23 9.84 -12.66
CA GLY A 21 -2.01 10.79 -11.57
C GLY A 21 -1.63 12.13 -12.19
N GLY A 22 -1.16 13.04 -11.34
CA GLY A 22 -0.73 14.36 -11.81
C GLY A 22 0.50 14.28 -12.69
N PHE A 23 1.42 13.39 -12.33
CA PHE A 23 2.73 13.31 -12.97
C PHE A 23 3.15 11.88 -13.36
N ALA A 24 2.24 10.92 -13.19
CA ALA A 24 2.55 9.53 -13.49
C ALA A 24 1.34 8.79 -14.02
N LYS A 25 1.59 7.67 -14.67
CA LYS A 25 0.54 6.75 -15.06
C LYS A 25 0.91 5.34 -14.61
N VAL A 26 -0.09 4.50 -14.46
CA VAL A 26 0.14 3.09 -14.12
C VAL A 26 -0.48 2.22 -15.20
N LYS A 27 0.36 1.35 -15.78
CA LYS A 27 -0.11 0.43 -16.82
C LYS A 27 -0.08 -1.01 -16.37
N LEU A 28 -1.12 -1.75 -16.74
CA LEU A 28 -1.12 -3.20 -16.60
C LEU A 28 -0.11 -3.78 -17.61
N ALA A 29 0.67 -4.75 -17.15
CA ALA A 29 1.67 -5.39 -17.99
C ALA A 29 1.83 -6.85 -17.59
N CYS A 30 2.50 -7.61 -18.44
CA CYS A 30 2.83 -8.99 -18.12
CA CYS A 30 2.83 -9.00 -18.14
C CYS A 30 4.34 -9.20 -18.20
N HIS A 31 4.91 -9.80 -17.16
CA HIS A 31 6.33 -10.09 -17.12
C HIS A 31 6.59 -11.29 -17.99
N ILE A 32 7.36 -11.11 -19.07
CA ILE A 32 7.46 -12.14 -20.13
C ILE A 32 7.92 -13.50 -19.61
N LEU A 33 8.98 -13.50 -18.81
CA LEU A 33 9.62 -14.73 -18.39
C LEU A 33 8.76 -15.61 -17.49
N THR A 34 7.91 -14.99 -16.67
CA THR A 34 7.12 -15.72 -15.66
C THR A 34 5.65 -15.79 -16.00
N GLY A 35 5.22 -14.95 -16.95
CA GLY A 35 3.80 -14.82 -17.28
C GLY A 35 2.97 -14.09 -16.22
N GLU A 36 3.61 -13.54 -15.20
CA GLU A 36 2.89 -12.87 -14.11
C GLU A 36 2.45 -11.46 -14.51
N MET A 37 1.23 -11.08 -14.15
CA MET A 37 0.76 -9.71 -14.35
CA MET A 37 0.79 -9.71 -14.37
C MET A 37 1.45 -8.80 -13.34
N VAL A 38 1.75 -7.58 -13.75
CA VAL A 38 2.40 -6.59 -12.90
C VAL A 38 1.75 -5.24 -13.21
N ALA A 39 1.98 -4.25 -12.33
CA ALA A 39 1.53 -2.90 -12.60
C ALA A 39 2.74 -1.98 -12.66
N ILE A 40 2.88 -1.27 -13.77
CA ILE A 40 4.07 -0.46 -14.00
C ILE A 40 3.76 1.03 -13.89
N LYS A 41 4.35 1.68 -12.90
CA LYS A 41 4.22 3.12 -12.74
C LYS A 41 5.29 3.81 -13.61
N ILE A 42 4.81 4.70 -14.48
CA ILE A 42 5.65 5.36 -15.49
C ILE A 42 5.69 6.86 -15.24
N MET A 43 6.91 7.40 -15.14
CA MET A 43 7.14 8.83 -14.95
C MET A 43 7.98 9.37 -16.10
N ASP A 44 7.77 10.65 -16.42
CA ASP A 44 8.62 11.34 -17.38
C ASP A 44 9.57 12.30 -16.67
N LYS A 45 10.87 12.12 -16.90
CA LYS A 45 11.93 12.91 -16.25
C LYS A 45 12.02 14.35 -16.77
N ASN A 46 11.20 14.69 -17.78
CA ASN A 46 11.17 16.05 -18.30
C ASN A 46 10.04 16.85 -17.67
N THR A 47 8.82 16.32 -17.77
CA THR A 47 7.63 16.99 -17.27
C THR A 47 7.36 16.70 -15.79
N LEU A 48 8.41 16.40 -15.03
CA LEU A 48 8.29 16.04 -13.62
C LEU A 48 7.82 17.21 -12.77
N ASP A 51 6.74 15.60 -8.40
CA ASP A 51 8.16 15.92 -8.51
C ASP A 51 9.04 14.66 -8.53
N LEU A 52 10.33 14.86 -8.79
CA LEU A 52 11.31 13.78 -8.83
C LEU A 52 11.73 13.28 -7.45
N PRO A 53 11.86 14.18 -6.46
CA PRO A 53 12.09 13.72 -5.09
C PRO A 53 11.02 12.74 -4.61
N ARG A 54 9.79 12.91 -5.08
CA ARG A 54 8.67 12.02 -4.78
C ARG A 54 8.92 10.58 -5.24
N ILE A 55 9.51 10.43 -6.42
CA ILE A 55 9.79 9.14 -7.03
C ILE A 55 10.87 8.41 -6.23
N LYS A 56 11.96 9.13 -5.99
CA LYS A 56 13.09 8.63 -5.22
C LYS A 56 12.69 8.27 -3.78
N THR A 57 11.82 9.08 -3.19
CA THR A 57 11.31 8.81 -1.84
C THR A 57 10.59 7.46 -1.82
N GLU A 58 9.62 7.28 -2.71
CA GLU A 58 8.88 6.03 -2.78
C GLU A 58 9.80 4.83 -3.02
N ILE A 59 10.71 4.93 -4.00
CA ILE A 59 11.62 3.85 -4.35
C ILE A 59 12.44 3.40 -3.14
N GLU A 60 13.02 4.37 -2.44
CA GLU A 60 13.84 4.08 -1.26
C GLU A 60 13.05 3.39 -0.16
N ALA A 61 11.83 3.86 0.08
CA ALA A 61 10.94 3.27 1.07
C ALA A 61 10.63 1.82 0.73
N LEU A 62 10.20 1.56 -0.50
CA LEU A 62 9.76 0.22 -0.92
C LEU A 62 10.87 -0.83 -0.97
N LYS A 63 12.10 -0.36 -1.16
CA LYS A 63 13.27 -1.21 -1.02
C LYS A 63 13.45 -1.71 0.41
N ASN A 64 12.92 -0.94 1.37
CA ASN A 64 13.03 -1.25 2.80
C ASN A 64 11.76 -1.78 3.47
N LEU A 65 10.69 -1.94 2.71
CA LEU A 65 9.43 -2.41 3.30
C LEU A 65 9.00 -3.67 2.60
N ARG A 66 8.81 -4.71 3.39
CA ARG A 66 8.40 -6.01 2.87
C ARG A 66 7.37 -6.60 3.84
N HIS A 67 6.13 -6.70 3.39
CA HIS A 67 5.01 -6.94 4.31
C HIS A 67 3.81 -7.42 3.56
N GLN A 68 3.05 -8.29 4.21
CA GLN A 68 1.86 -8.91 3.61
C GLN A 68 0.77 -7.90 3.21
N HIS A 69 0.83 -6.67 3.73
CA HIS A 69 -0.17 -5.66 3.37
C HIS A 69 0.42 -4.44 2.72
N ILE A 70 1.61 -4.61 2.14
CA ILE A 70 2.27 -3.53 1.38
C ILE A 70 2.54 -4.00 -0.04
N CYS A 71 2.10 -3.20 -1.02
CA CYS A 71 2.28 -3.51 -2.44
C CYS A 71 3.77 -3.63 -2.78
N GLN A 72 4.18 -4.79 -3.30
CA GLN A 72 5.60 -5.14 -3.49
C GLN A 72 6.24 -4.44 -4.70
N LEU A 73 7.45 -3.92 -4.49
CA LEU A 73 8.26 -3.42 -5.61
C LEU A 73 9.09 -4.55 -6.23
N TYR A 74 9.11 -4.62 -7.55
CA TYR A 74 9.85 -5.68 -8.24
C TYR A 74 11.08 -5.21 -9.02
N HIS A 75 11.00 -4.04 -9.64
CA HIS A 75 11.94 -3.68 -10.70
C HIS A 75 11.89 -2.19 -10.87
N VAL A 76 13.08 -1.58 -10.90
CA VAL A 76 13.20 -0.15 -11.20
C VAL A 76 14.07 0.00 -12.45
N LEU A 77 13.53 0.70 -13.45
CA LEU A 77 14.26 0.97 -14.68
C LEU A 77 14.25 2.47 -14.93
N GLU A 78 15.43 3.04 -15.16
CA GLU A 78 15.50 4.45 -15.52
C GLU A 78 16.21 4.62 -16.84
N THR A 79 15.49 5.18 -17.82
CA THR A 79 16.07 5.49 -19.12
C THR A 79 16.37 6.98 -19.20
N ALA A 80 16.98 7.40 -20.31
CA ALA A 80 17.22 8.81 -20.59
C ALA A 80 16.03 9.71 -20.19
N ASN A 81 14.83 9.34 -20.65
CA ASN A 81 13.63 10.15 -20.49
C ASN A 81 12.63 9.71 -19.42
N LYS A 82 12.64 8.42 -19.09
CA LYS A 82 11.59 7.84 -18.22
C LYS A 82 12.12 7.16 -16.97
N ILE A 83 11.23 7.04 -15.97
CA ILE A 83 11.46 6.16 -14.82
C ILE A 83 10.29 5.18 -14.74
N PHE A 84 10.62 3.89 -14.66
CA PHE A 84 9.64 2.82 -14.62
C PHE A 84 9.75 2.10 -13.28
N MET A 85 8.62 1.98 -12.58
CA MET A 85 8.58 1.22 -11.34
C MET A 85 7.60 0.08 -11.53
N VAL A 86 8.10 -1.14 -11.46
CA VAL A 86 7.27 -2.33 -11.65
C VAL A 86 6.80 -2.82 -10.28
N LEU A 87 5.48 -2.83 -10.11
CA LEU A 87 4.88 -3.13 -8.82
C LEU A 87 3.91 -4.29 -8.94
N GLU A 88 3.52 -4.81 -7.79
CA GLU A 88 2.52 -5.85 -7.72
C GLU A 88 1.21 -5.39 -8.37
N TYR A 89 0.60 -6.26 -9.17
CA TYR A 89 -0.73 -5.96 -9.71
C TYR A 89 -1.78 -6.53 -8.77
N CYS A 90 -2.71 -5.68 -8.35
CA CYS A 90 -3.81 -6.05 -7.46
C CYS A 90 -5.09 -6.06 -8.26
N PRO A 91 -5.63 -7.27 -8.56
CA PRO A 91 -6.76 -7.35 -9.48
C PRO A 91 -8.12 -7.00 -8.85
N GLY A 92 -8.14 -6.69 -7.56
CA GLY A 92 -9.40 -6.32 -6.89
C GLY A 92 -9.72 -4.84 -6.89
N GLY A 93 -8.82 -4.03 -7.45
CA GLY A 93 -9.01 -2.60 -7.53
C GLY A 93 -8.93 -1.87 -6.20
N GLU A 94 -9.36 -0.60 -6.22
CA GLU A 94 -9.19 0.31 -5.08
C GLU A 94 -10.26 0.08 -4.01
N LEU A 95 -9.87 0.26 -2.76
CA LEU A 95 -10.81 0.18 -1.64
C LEU A 95 -11.96 1.18 -1.81
N PHE A 96 -11.63 2.38 -2.27
CA PHE A 96 -12.60 3.45 -2.46
C PHE A 96 -13.76 3.00 -3.35
N ASP A 97 -13.43 2.50 -4.53
CA ASP A 97 -14.45 1.99 -5.45
C ASP A 97 -15.26 0.83 -4.85
N TYR A 98 -14.65 0.09 -3.93
CA TYR A 98 -15.37 -1.00 -3.27
C TYR A 98 -16.43 -0.46 -2.29
N ILE A 99 -16.07 0.57 -1.53
CA ILE A 99 -16.99 1.20 -0.58
C ILE A 99 -18.19 1.79 -1.31
N ILE A 100 -17.94 2.49 -2.43
CA ILE A 100 -19.02 3.11 -3.19
C ILE A 100 -20.02 2.07 -3.70
N SER A 101 -19.50 0.94 -4.17
CA SER A 101 -20.35 -0.13 -4.70
C SER A 101 -21.21 -0.75 -3.60
N GLN A 102 -20.68 -0.78 -2.37
CA GLN A 102 -21.40 -1.34 -1.22
C GLN A 102 -22.19 -0.30 -0.43
N ASP A 103 -22.11 0.97 -0.85
N ASP A 103 -22.06 0.97 -0.82
CA ASP A 103 -22.61 2.11 -0.05
CA ASP A 103 -22.61 2.09 -0.07
C ASP A 103 -21.69 2.32 1.17
C ASP A 103 -21.79 2.36 1.21
N ARG A 104 -21.72 1.35 2.07
CA ARG A 104 -20.86 1.37 3.27
C ARG A 104 -20.70 -0.06 3.75
N LEU A 105 -19.70 -0.29 4.57
CA LEU A 105 -19.45 -1.64 5.06
C LEU A 105 -20.03 -1.80 6.46
N SER A 106 -20.51 -3.00 6.77
CA SER A 106 -20.95 -3.35 8.10
C SER A 106 -19.77 -3.16 9.05
N GLU A 107 -20.05 -3.06 10.35
CA GLU A 107 -18.99 -3.00 11.34
C GLU A 107 -18.09 -4.24 11.24
N GLU A 108 -18.71 -5.40 11.03
CA GLU A 108 -17.98 -6.66 10.92
CA GLU A 108 -18.01 -6.67 10.91
C GLU A 108 -17.02 -6.66 9.74
N GLU A 109 -17.48 -6.27 8.56
CA GLU A 109 -16.59 -6.23 7.39
C GLU A 109 -15.57 -5.10 7.50
N THR A 110 -15.99 -3.98 8.07
CA THR A 110 -15.07 -2.86 8.33
C THR A 110 -13.89 -3.32 9.17
N ARG A 111 -14.17 -4.09 10.22
CA ARG A 111 -13.13 -4.56 11.11
C ARG A 111 -12.17 -5.49 10.36
N VAL A 112 -12.68 -6.34 9.48
CA VAL A 112 -11.84 -7.24 8.67
C VAL A 112 -10.82 -6.44 7.85
N VAL A 113 -11.32 -5.41 7.16
CA VAL A 113 -10.51 -4.55 6.32
C VAL A 113 -9.59 -3.65 7.15
N PHE A 114 -10.16 -3.04 8.20
CA PHE A 114 -9.43 -2.06 8.99
C PHE A 114 -8.24 -2.69 9.72
N ARG A 115 -8.38 -3.95 10.16
CA ARG A 115 -7.26 -4.59 10.84
C ARG A 115 -6.04 -4.76 9.91
N GLN A 116 -6.31 -4.93 8.62
CA GLN A 116 -5.24 -5.02 7.60
C GLN A 116 -4.54 -3.68 7.40
N ILE A 117 -5.33 -2.61 7.36
CA ILE A 117 -4.79 -1.26 7.30
C ILE A 117 -3.90 -0.98 8.51
N VAL A 118 -4.40 -1.28 9.71
CA VAL A 118 -3.61 -1.10 10.94
C VAL A 118 -2.31 -1.93 10.91
N SER A 119 -2.40 -3.19 10.48
CA SER A 119 -1.23 -4.06 10.31
C SER A 119 -0.17 -3.40 9.41
N ALA A 120 -0.58 -2.94 8.23
CA ALA A 120 0.34 -2.27 7.30
C ALA A 120 0.98 -1.03 7.92
N VAL A 121 0.15 -0.16 8.50
CA VAL A 121 0.62 1.15 8.99
C VAL A 121 1.51 0.99 10.23
N ALA A 122 1.12 0.10 11.13
CA ALA A 122 1.94 -0.24 12.31
C ALA A 122 3.33 -0.72 11.88
N TYR A 123 3.37 -1.60 10.88
CA TYR A 123 4.65 -2.09 10.33
C TYR A 123 5.49 -0.95 9.73
N VAL A 124 4.83 -0.12 8.92
CA VAL A 124 5.49 1.06 8.34
C VAL A 124 6.12 1.92 9.45
N HIS A 125 5.37 2.17 10.53
CA HIS A 125 5.90 2.94 11.67
C HIS A 125 7.02 2.19 12.35
N SER A 126 6.91 0.87 12.44
CA SER A 126 7.96 0.05 13.09
C SER A 126 9.30 0.11 12.34
N GLN A 127 9.23 0.35 11.03
CA GLN A 127 10.41 0.47 10.19
C GLN A 127 10.95 1.89 10.14
N GLY A 128 10.30 2.79 10.88
CA GLY A 128 10.76 4.16 11.00
C GLY A 128 10.17 5.17 10.02
N TYR A 129 9.05 4.83 9.38
CA TYR A 129 8.40 5.74 8.42
C TYR A 129 6.99 6.19 8.87
N ALA A 130 6.53 7.31 8.33
CA ALA A 130 5.12 7.67 8.35
C ALA A 130 4.64 7.76 6.90
N HIS A 131 3.47 7.20 6.61
CA HIS A 131 2.98 7.19 5.23
C HIS A 131 2.59 8.58 4.77
N ARG A 132 1.75 9.24 5.57
CA ARG A 132 1.30 10.63 5.36
C ARG A 132 0.30 10.89 4.23
N ASP A 133 -0.11 9.83 3.53
CA ASP A 133 -1.11 9.95 2.46
C ASP A 133 -2.10 8.78 2.49
N LEU A 134 -2.53 8.42 3.68
CA LEU A 134 -3.46 7.30 3.85
C LEU A 134 -4.86 7.74 3.43
N LYS A 135 -5.46 6.94 2.55
CA LYS A 135 -6.80 7.20 1.98
C LYS A 135 -7.22 5.96 1.21
N PRO A 136 -8.55 5.78 1.00
CA PRO A 136 -8.94 4.48 0.43
C PRO A 136 -8.52 4.30 -1.04
N GLU A 137 -8.12 5.39 -1.70
CA GLU A 137 -7.56 5.31 -3.05
C GLU A 137 -6.15 4.69 -3.02
N ASN A 138 -5.50 4.73 -1.86
CA ASN A 138 -4.17 4.14 -1.69
C ASN A 138 -4.14 2.77 -1.06
N LEU A 139 -5.29 2.12 -1.05
CA LEU A 139 -5.41 0.75 -0.58
C LEU A 139 -6.06 -0.07 -1.69
N LEU A 140 -5.40 -1.16 -2.09
CA LEU A 140 -5.91 -2.02 -3.18
C LEU A 140 -6.17 -3.43 -2.72
N PHE A 141 -7.09 -4.10 -3.39
CA PHE A 141 -7.37 -5.51 -3.11
C PHE A 141 -6.55 -6.42 -4.00
N ASP A 142 -5.77 -7.31 -3.38
CA ASP A 142 -4.92 -8.25 -4.11
C ASP A 142 -5.69 -9.50 -4.54
N GLU A 143 -4.96 -10.47 -5.10
CA GLU A 143 -5.58 -11.69 -5.64
C GLU A 143 -6.34 -12.50 -4.60
N TYR A 144 -5.90 -12.43 -3.34
CA TYR A 144 -6.56 -13.13 -2.23
C TYR A 144 -7.56 -12.24 -1.49
N HIS A 145 -8.03 -11.17 -2.10
CA HIS A 145 -8.88 -10.14 -1.56
C HIS A 145 -8.39 -9.63 -0.23
N LYS A 146 -7.10 -9.46 -0.11
CA LYS A 146 -6.49 -8.77 1.02
C LYS A 146 -5.98 -7.40 0.56
N LEU A 147 -5.86 -6.47 1.51
CA LEU A 147 -5.48 -5.10 1.21
C LEU A 147 -3.98 -4.92 1.07
N LYS A 148 -3.59 -4.07 0.13
CA LYS A 148 -2.20 -3.72 -0.11
C LYS A 148 -2.08 -2.20 -0.14
N LEU A 149 -1.23 -1.66 0.72
CA LEU A 149 -1.01 -0.23 0.81
C LEU A 149 -0.04 0.23 -0.30
N ILE A 150 -0.37 1.33 -0.96
CA ILE A 150 0.42 1.88 -2.07
C ILE A 150 0.81 3.37 -1.89
N ASP A 151 1.66 3.85 -2.79
CA ASP A 151 2.04 5.26 -2.88
C ASP A 151 2.80 5.96 -1.76
N PHE A 152 4.05 5.62 -1.61
CA PHE A 152 4.89 6.04 -0.53
C PHE A 152 5.64 7.30 -0.89
N GLY A 153 5.19 7.98 -1.92
CA GLY A 153 5.85 9.18 -2.39
C GLY A 153 5.98 10.28 -1.37
N LEU A 154 5.06 10.36 -0.43
CA LEU A 154 5.05 11.40 0.57
C LEU A 154 5.52 10.96 1.92
N CYS A 155 6.01 9.77 2.03
CA CYS A 155 6.39 9.23 3.33
C CYS A 155 7.58 9.99 3.90
N ALA A 156 7.73 9.98 5.24
CA ALA A 156 8.86 10.66 5.89
C ALA A 156 9.68 9.69 6.70
N SER A 172 -6.69 14.55 -0.78
CA SER A 172 -5.83 14.28 0.35
C SER A 172 -6.06 15.21 1.54
N LEU A 173 -6.47 16.45 1.30
CA LEU A 173 -6.75 17.38 2.40
C LEU A 173 -7.78 16.79 3.38
N ALA A 174 -8.82 16.18 2.85
CA ALA A 174 -9.87 15.56 3.68
C ALA A 174 -9.34 14.54 4.69
N TYR A 175 -8.17 13.95 4.39
CA TYR A 175 -7.54 12.91 5.24
C TYR A 175 -6.40 13.42 6.10
N ALA A 176 -6.05 14.70 5.95
CA ALA A 176 -4.89 15.26 6.66
C ALA A 176 -5.25 15.71 8.07
N ALA A 177 -4.38 15.33 9.01
CA ALA A 177 -4.48 15.72 10.43
C ALA A 177 -4.34 17.23 10.61
N PRO A 178 -5.08 17.80 11.59
CA PRO A 178 -5.03 19.25 11.88
C PRO A 178 -3.61 19.78 12.06
N GLU A 179 -2.79 19.05 12.81
CA GLU A 179 -1.42 19.49 13.09
C GLU A 179 -0.51 19.40 11.88
N LEU A 180 -0.83 18.49 10.95
CA LEU A 180 -0.10 18.36 9.69
C LEU A 180 -0.39 19.52 8.75
N ILE A 181 -1.67 19.86 8.58
CA ILE A 181 -2.02 21.04 7.77
C ILE A 181 -1.45 22.30 8.41
N GLN A 182 -1.46 22.36 9.73
CA GLN A 182 -0.91 23.49 10.47
C GLN A 182 0.62 23.61 10.34
N GLY A 183 1.26 22.57 9.80
CA GLY A 183 2.71 22.52 9.66
C GLY A 183 3.47 22.43 10.97
N LYS A 184 2.74 22.16 12.07
CA LYS A 184 3.32 22.17 13.43
C LYS A 184 4.38 21.10 13.64
N GLY A 188 4.76 12.56 12.59
CA GLY A 188 4.15 11.91 11.44
C GLY A 188 3.30 10.72 11.85
N SER A 189 3.74 10.04 12.90
CA SER A 189 3.07 8.87 13.44
C SER A 189 1.62 9.15 13.87
N GLU A 190 1.40 10.23 14.63
CA GLU A 190 0.07 10.62 15.09
C GLU A 190 -0.83 11.07 13.93
N ALA A 191 -0.22 11.74 12.94
CA ALA A 191 -0.92 12.16 11.75
C ALA A 191 -1.50 10.96 10.99
N ASP A 192 -0.74 9.87 10.92
CA ASP A 192 -1.23 8.63 10.30
C ASP A 192 -2.45 8.05 11.05
N VAL A 193 -2.45 8.16 12.37
CA VAL A 193 -3.59 7.69 13.19
C VAL A 193 -4.86 8.49 12.86
N TRP A 194 -4.73 9.81 12.77
CA TRP A 194 -5.85 10.64 12.35
C TRP A 194 -6.38 10.19 11.01
N SER A 195 -5.50 10.03 10.03
CA SER A 195 -5.94 9.60 8.68
C SER A 195 -6.66 8.25 8.71
N MET A 196 -6.19 7.34 9.55
CA MET A 196 -6.86 6.05 9.70
C MET A 196 -8.24 6.22 10.33
N GLY A 197 -8.39 7.24 11.17
CA GLY A 197 -9.71 7.63 11.73
C GLY A 197 -10.67 8.09 10.64
N ILE A 198 -10.17 8.91 9.71
CA ILE A 198 -10.99 9.32 8.58
C ILE A 198 -11.37 8.08 7.74
N LEU A 199 -10.39 7.21 7.47
CA LEU A 199 -10.63 5.96 6.74
C LEU A 199 -11.69 5.09 7.42
N LEU A 200 -11.58 4.96 8.74
CA LEU A 200 -12.55 4.14 9.48
C LEU A 200 -13.96 4.73 9.32
N TYR A 201 -14.08 6.05 9.44
CA TYR A 201 -15.35 6.72 9.25
C TYR A 201 -15.93 6.47 7.86
N VAL A 202 -15.11 6.59 6.81
CA VAL A 202 -15.56 6.41 5.43
C VAL A 202 -16.01 4.95 5.21
N LEU A 203 -15.28 4.02 5.82
CA LEU A 203 -15.61 2.60 5.66
C LEU A 203 -17.02 2.30 6.20
N MET A 204 -17.32 2.83 7.37
CA MET A 204 -18.58 2.54 8.04
C MET A 204 -19.72 3.48 7.65
N CYS A 205 -19.40 4.64 7.05
CA CYS A 205 -20.44 5.64 6.72
C CYS A 205 -20.68 5.84 5.24
N GLY A 206 -19.63 5.74 4.43
CA GLY A 206 -19.74 5.86 2.97
C GLY A 206 -19.56 7.30 2.49
N PHE A 207 -19.17 8.17 3.39
CA PHE A 207 -18.89 9.57 3.07
C PHE A 207 -17.88 10.08 4.10
N LEU A 208 -17.28 11.25 3.83
CA LEU A 208 -16.25 11.82 4.68
C LEU A 208 -16.84 12.51 5.91
N PRO A 209 -16.11 12.53 7.04
CA PRO A 209 -16.61 13.27 8.21
C PRO A 209 -16.43 14.78 8.03
N PHE A 210 -15.42 15.19 7.28
CA PHE A 210 -15.17 16.59 6.99
C PHE A 210 -15.13 16.77 5.49
N ASP A 211 -16.04 17.57 4.94
CA ASP A 211 -16.04 17.79 3.51
C ASP A 211 -16.67 19.14 3.17
N ASP A 212 -16.16 19.77 2.12
CA ASP A 212 -16.67 21.05 1.65
C ASP A 212 -16.12 21.32 0.25
N ASP A 213 -16.89 22.07 -0.55
CA ASP A 213 -16.42 22.55 -1.86
C ASP A 213 -15.31 23.58 -1.69
N ASN A 214 -15.45 24.38 -0.64
CA ASN A 214 -14.51 25.45 -0.35
C ASN A 214 -13.39 24.87 0.53
N VAL A 215 -12.17 24.91 0.00
CA VAL A 215 -11.01 24.32 0.65
C VAL A 215 -10.68 24.91 2.03
N MET A 216 -10.81 26.24 2.18
CA MET A 216 -10.61 26.90 3.47
C MET A 216 -11.72 26.57 4.48
N ALA A 217 -12.93 26.37 3.97
CA ALA A 217 -14.05 25.98 4.81
C ALA A 217 -13.82 24.54 5.31
N LEU A 218 -13.23 23.70 4.46
CA LEU A 218 -12.85 22.35 4.86
C LEU A 218 -11.78 22.38 5.95
N TYR A 219 -10.76 23.21 5.74
CA TYR A 219 -9.70 23.43 6.73
C TYR A 219 -10.32 23.78 8.10
N LYS A 220 -11.27 24.71 8.11
CA LYS A 220 -11.96 25.13 9.33
C LYS A 220 -12.66 23.92 9.98
N LYS A 221 -13.38 23.15 9.18
CA LYS A 221 -14.12 22.01 9.71
C LYS A 221 -13.19 20.99 10.36
N ILE A 222 -12.05 20.74 9.72
CA ILE A 222 -11.05 19.81 10.27
C ILE A 222 -10.50 20.32 11.59
N MET A 223 -10.18 21.61 11.64
CA MET A 223 -9.69 22.24 12.88
C MET A 223 -10.69 22.15 14.03
N ARG A 224 -11.98 22.29 13.74
CA ARG A 224 -13.00 22.22 14.78
C ARG A 224 -13.21 20.79 15.26
N GLY A 225 -13.13 19.82 14.34
CA GLY A 225 -13.18 18.42 14.70
C GLY A 225 -14.57 17.85 14.96
N LYS A 226 -15.60 18.61 14.59
CA LYS A 226 -16.98 18.19 14.76
C LYS A 226 -17.48 17.51 13.49
N TYR A 227 -18.19 16.39 13.66
CA TYR A 227 -18.67 15.61 12.50
C TYR A 227 -19.99 14.91 12.83
N ASP A 228 -20.75 14.59 11.78
CA ASP A 228 -22.01 13.85 11.91
C ASP A 228 -21.74 12.45 12.41
N VAL A 229 -22.60 11.97 13.30
CA VAL A 229 -22.54 10.58 13.76
C VAL A 229 -23.80 9.90 13.27
N PRO A 230 -23.68 9.06 12.23
CA PRO A 230 -24.89 8.45 11.67
C PRO A 230 -25.54 7.46 12.62
N LYS A 231 -26.83 7.24 12.40
CA LYS A 231 -27.66 6.38 13.24
C LYS A 231 -27.22 4.91 13.30
N TRP A 232 -26.48 4.43 12.29
CA TRP A 232 -26.12 3.00 12.21
C TRP A 232 -24.82 2.63 12.90
N LEU A 233 -24.07 3.62 13.38
CA LEU A 233 -22.85 3.35 14.14
C LEU A 233 -23.12 2.87 15.58
N SER A 234 -22.44 1.81 15.99
CA SER A 234 -22.54 1.27 17.34
C SER A 234 -21.81 2.20 18.33
N PRO A 235 -22.19 2.14 19.62
CA PRO A 235 -21.50 2.93 20.64
C PRO A 235 -19.98 2.70 20.66
N SER A 236 -19.53 1.46 20.47
CA SER A 236 -18.10 1.17 20.47
CA SER A 236 -18.10 1.17 20.47
C SER A 236 -17.39 1.80 19.27
N SER A 237 -18.05 1.78 18.12
CA SER A 237 -17.50 2.43 16.90
C SER A 237 -17.37 3.92 17.11
N ILE A 238 -18.39 4.52 17.69
CA ILE A 238 -18.43 5.94 18.00
C ILE A 238 -17.26 6.35 18.92
N LEU A 239 -17.05 5.55 19.95
CA LEU A 239 -15.94 5.78 20.88
C LEU A 239 -14.59 5.69 20.18
N LEU A 240 -14.41 4.70 19.32
CA LEU A 240 -13.11 4.56 18.65
C LEU A 240 -12.86 5.76 17.73
N LEU A 241 -13.89 6.17 17.00
CA LEU A 241 -13.76 7.34 16.12
C LEU A 241 -13.37 8.60 16.91
N GLN A 242 -14.00 8.77 18.07
CA GLN A 242 -13.68 9.86 18.98
C GLN A 242 -12.22 9.85 19.41
N GLN A 243 -11.69 8.67 19.68
CA GLN A 243 -10.32 8.55 20.14
C GLN A 243 -9.27 8.75 19.03
N MET A 244 -9.62 8.40 17.79
CA MET A 244 -8.72 8.60 16.65
C MET A 244 -8.80 10.01 16.07
N LEU A 245 -10.00 10.60 16.13
CA LEU A 245 -10.22 11.92 15.57
C LEU A 245 -10.14 13.05 16.61
N GLN A 246 -9.22 12.91 17.55
CA GLN A 246 -8.90 14.02 18.47
C GLN A 246 -8.05 15.03 17.72
N VAL A 247 -8.47 16.30 17.76
CA VAL A 247 -7.78 17.38 17.05
C VAL A 247 -6.38 17.61 17.64
N ASP A 248 -6.29 17.47 18.97
CA ASP A 248 -5.01 17.57 19.66
C ASP A 248 -4.31 16.22 19.62
N PRO A 249 -3.16 16.14 18.91
CA PRO A 249 -2.45 14.87 18.75
C PRO A 249 -1.98 14.24 20.07
N LYS A 250 -1.92 15.02 21.14
CA LYS A 250 -1.55 14.51 22.45
C LYS A 250 -2.70 13.72 23.09
N LYS A 251 -3.94 14.08 22.75
CA LYS A 251 -5.13 13.39 23.25
C LYS A 251 -5.56 12.23 22.33
N ARG A 252 -4.93 12.14 21.16
CA ARG A 252 -5.25 11.10 20.18
C ARG A 252 -4.73 9.73 20.60
N ILE A 253 -5.52 8.69 20.37
CA ILE A 253 -5.07 7.31 20.64
C ILE A 253 -3.76 6.98 19.89
N SER A 254 -2.86 6.27 20.55
CA SER A 254 -1.58 5.94 19.93
C SER A 254 -1.69 4.66 19.14
N MET A 255 -0.80 4.47 18.17
CA MET A 255 -0.77 3.24 17.39
C MET A 255 -0.74 2.00 18.29
N LYS A 256 0.08 2.08 19.35
CA LYS A 256 0.22 0.99 20.32
C LYS A 256 -1.14 0.51 20.85
N ASN A 257 -1.94 1.46 21.35
CA ASN A 257 -3.25 1.19 21.93
C ASN A 257 -4.35 0.93 20.91
N LEU A 258 -4.05 1.18 19.64
CA LEU A 258 -4.93 0.82 18.56
C LEU A 258 -4.86 -0.68 18.28
N LEU A 259 -3.66 -1.26 18.39
CA LEU A 259 -3.42 -2.67 18.07
C LEU A 259 -4.29 -3.65 18.87
N ASN A 260 -4.56 -3.33 20.14
CA ASN A 260 -5.39 -4.16 21.00
C ASN A 260 -6.64 -3.46 21.55
N HIS A 261 -7.14 -2.45 20.83
CA HIS A 261 -8.36 -1.75 21.21
C HIS A 261 -9.54 -2.70 21.25
N PRO A 262 -10.44 -2.56 22.26
CA PRO A 262 -11.58 -3.48 22.36
C PRO A 262 -12.42 -3.58 21.08
N TRP A 263 -12.62 -2.45 20.39
CA TRP A 263 -13.33 -2.49 19.09
C TRP A 263 -12.56 -3.36 18.11
N ILE A 264 -11.25 -3.19 18.07
CA ILE A 264 -10.36 -3.96 17.16
C ILE A 264 -10.37 -5.46 17.50
N MET A 265 -10.48 -5.77 18.79
CA MET A 265 -10.41 -7.14 19.32
C MET A 265 -11.70 -7.94 19.13
N GLN A 266 -12.81 -7.26 18.94
CA GLN A 266 -14.07 -7.92 18.92
C GLN A 266 -14.12 -8.95 17.80
N ASP A 267 -14.51 -10.15 18.16
CA ASP A 267 -14.64 -11.27 17.26
C ASP A 267 -13.30 -11.93 16.92
N TYR A 268 -12.21 -11.26 17.21
CA TYR A 268 -10.89 -11.77 16.92
C TYR A 268 -10.24 -12.29 18.17
N ASN A 269 -10.30 -11.48 19.19
CA ASN A 269 -9.75 -11.82 20.51
C ASN A 269 -8.23 -11.91 20.59
N TYR A 270 -7.56 -11.36 19.57
CA TYR A 270 -6.11 -11.17 19.61
C TYR A 270 -5.79 -9.83 18.93
N PRO A 271 -4.71 -9.16 19.37
CA PRO A 271 -4.32 -7.88 18.79
C PRO A 271 -3.91 -7.99 17.31
N VAL A 272 -3.95 -6.89 16.59
CA VAL A 272 -3.57 -6.89 15.18
C VAL A 272 -2.15 -7.44 15.00
N GLU A 273 -1.99 -8.39 14.10
CA GLU A 273 -0.67 -8.92 13.76
C GLU A 273 0.00 -8.06 12.70
N TRP A 274 0.90 -7.19 13.14
CA TRP A 274 1.53 -6.18 12.29
C TRP A 274 2.89 -6.57 11.78
N GLN A 275 3.56 -7.51 12.47
CA GLN A 275 4.91 -7.92 12.04
C GLN A 275 4.85 -8.57 10.66
N SER A 276 5.88 -8.34 9.85
CA SER A 276 5.94 -8.97 8.51
C SER A 276 5.92 -10.49 8.61
N LYS A 277 5.06 -11.12 7.81
CA LYS A 277 4.97 -12.58 7.73
C LYS A 277 5.76 -13.13 6.53
N ASN A 278 6.34 -12.24 5.72
CA ASN A 278 7.09 -12.66 4.53
C ASN A 278 8.47 -11.97 4.37
N PRO A 279 9.22 -11.82 5.48
CA PRO A 279 10.45 -11.03 5.41
C PRO A 279 11.52 -11.73 4.57
N PHE A 280 12.48 -10.96 4.08
CA PHE A 280 13.61 -11.51 3.33
C PHE A 280 14.69 -12.02 4.29
N ILE A 281 14.74 -13.33 4.48
CA ILE A 281 15.77 -13.94 5.31
C ILE A 281 16.84 -14.59 4.43
N HIS A 282 16.60 -15.81 3.98
CA HIS A 282 17.54 -16.49 3.10
C HIS A 282 16.93 -16.61 1.73
N LEU A 283 17.78 -16.62 0.71
CA LEU A 283 17.30 -16.82 -0.66
C LEU A 283 16.56 -18.15 -0.77
N ASP A 284 15.44 -18.14 -1.50
CA ASP A 284 14.67 -19.34 -1.74
C ASP A 284 15.40 -20.26 -2.71
N ASP A 285 15.71 -21.47 -2.23
CA ASP A 285 16.44 -22.48 -2.99
CA ASP A 285 16.46 -22.45 -3.00
C ASP A 285 15.77 -22.82 -4.32
N ASP A 286 14.45 -23.03 -4.27
CA ASP A 286 13.69 -23.41 -5.45
C ASP A 286 13.71 -22.33 -6.54
N CYS A 287 13.65 -21.08 -6.12
CA CYS A 287 13.72 -19.94 -7.05
C CYS A 287 15.14 -19.79 -7.63
N VAL A 288 16.15 -19.90 -6.78
CA VAL A 288 17.55 -19.87 -7.20
C VAL A 288 17.87 -20.96 -8.23
N THR A 289 17.35 -22.17 -7.98
CA THR A 289 17.58 -23.32 -8.86
C THR A 289 16.91 -23.12 -10.22
N GLU A 290 15.66 -22.67 -10.23
CA GLU A 290 14.94 -22.46 -11.48
C GLU A 290 15.64 -21.41 -12.37
N LEU A 291 16.15 -20.35 -11.74
CA LEU A 291 16.85 -19.29 -12.46
C LEU A 291 18.18 -19.81 -13.05
N SER A 292 18.93 -20.55 -12.25
CA SER A 292 20.21 -21.10 -12.69
C SER A 292 20.00 -22.11 -13.82
N VAL A 293 18.95 -22.94 -13.71
CA VAL A 293 18.59 -23.91 -14.75
C VAL A 293 18.11 -23.22 -16.03
N HIS A 294 17.19 -22.28 -15.90
CA HIS A 294 16.66 -21.58 -17.06
C HIS A 294 17.74 -20.81 -17.78
N HIS A 295 18.58 -20.10 -17.02
CA HIS A 295 19.65 -19.30 -17.62
C HIS A 295 20.88 -20.10 -17.98
N ARG A 296 20.89 -21.37 -17.63
CA ARG A 296 22.06 -22.25 -17.83
C ARG A 296 23.30 -21.56 -17.28
N ASN A 297 23.19 -21.16 -16.02
CA ASN A 297 24.23 -20.44 -15.31
C ASN A 297 24.65 -21.15 -14.04
N ASN A 298 25.94 -21.05 -13.73
CA ASN A 298 26.52 -21.45 -12.46
C ASN A 298 25.62 -21.00 -11.30
N ARG A 299 25.13 -21.97 -10.52
CA ARG A 299 24.22 -21.70 -9.40
C ARG A 299 24.77 -20.66 -8.40
N GLN A 300 26.05 -20.80 -8.05
CA GLN A 300 26.70 -19.88 -7.13
C GLN A 300 26.78 -18.45 -7.68
N THR A 301 27.04 -18.33 -8.98
CA THR A 301 27.03 -17.03 -9.65
C THR A 301 25.63 -16.40 -9.58
N MET A 302 24.61 -17.24 -9.77
CA MET A 302 23.20 -16.82 -9.75
C MET A 302 22.81 -16.32 -8.36
N GLU A 303 23.12 -17.14 -7.35
CA GLU A 303 22.90 -16.78 -5.95
C GLU A 303 23.61 -15.47 -5.60
N ASP A 304 24.84 -15.28 -6.10
CA ASP A 304 25.61 -14.05 -5.87
C ASP A 304 24.94 -12.83 -6.50
N LEU A 305 24.47 -12.97 -7.74
CA LEU A 305 23.90 -11.83 -8.46
C LEU A 305 22.52 -11.42 -7.93
N ILE A 306 21.72 -12.40 -7.53
CA ILE A 306 20.42 -12.12 -6.87
C ILE A 306 20.68 -11.31 -5.59
N SER A 307 21.69 -11.72 -4.83
CA SER A 307 22.01 -11.11 -3.55
C SER A 307 22.43 -9.65 -3.64
N LEU A 308 22.75 -9.18 -4.85
CA LEU A 308 23.06 -7.75 -5.03
C LEU A 308 21.83 -6.86 -4.87
N TRP A 309 20.64 -7.44 -5.02
CA TRP A 309 19.37 -6.74 -4.81
C TRP A 309 19.33 -5.41 -5.50
N GLN A 310 19.62 -5.43 -6.81
CA GLN A 310 19.73 -4.21 -7.58
C GLN A 310 18.36 -3.70 -8.04
N TYR A 311 17.35 -4.55 -7.88
CA TYR A 311 16.01 -4.29 -8.40
C TYR A 311 16.03 -4.12 -9.90
N ASP A 312 16.82 -4.98 -10.54
CA ASP A 312 16.87 -5.11 -11.98
C ASP A 312 16.02 -6.29 -12.39
N HIS A 313 16.16 -6.74 -13.64
CA HIS A 313 15.30 -7.79 -14.15
C HIS A 313 15.53 -9.09 -13.46
N LEU A 314 16.76 -9.33 -12.99
CA LEU A 314 17.05 -10.51 -12.20
C LEU A 314 16.25 -10.51 -10.89
N THR A 315 16.26 -9.38 -10.19
CA THR A 315 15.50 -9.26 -8.95
C THR A 315 14.01 -9.45 -9.23
N ALA A 316 13.53 -8.82 -10.30
CA ALA A 316 12.12 -8.92 -10.69
C ALA A 316 11.71 -10.38 -10.91
N THR A 317 12.52 -11.11 -11.66
CA THR A 317 12.22 -12.50 -11.97
C THR A 317 12.24 -13.35 -10.70
N TYR A 318 13.21 -13.08 -9.82
CA TYR A 318 13.33 -13.80 -8.55
C TYR A 318 12.08 -13.58 -7.68
N LEU A 319 11.70 -12.31 -7.53
CA LEU A 319 10.56 -11.95 -6.69
C LEU A 319 9.24 -12.46 -7.23
N LEU A 320 9.10 -12.50 -8.55
CA LEU A 320 7.88 -12.99 -9.14
C LEU A 320 7.76 -14.51 -8.97
N LEU A 321 8.91 -15.21 -8.97
CA LEU A 321 8.92 -16.65 -8.69
C LEU A 321 8.51 -16.93 -7.25
N LEU A 322 9.02 -16.14 -6.30
CA LEU A 322 8.60 -16.24 -4.90
C LEU A 322 7.09 -16.06 -4.73
N ALA A 323 6.50 -15.19 -5.54
CA ALA A 323 5.05 -14.94 -5.50
C ALA A 323 4.26 -16.15 -5.99
N LYS A 324 4.77 -16.82 -7.02
CA LYS A 324 4.24 -18.12 -7.47
C LYS A 324 4.20 -19.11 -6.30
N LYS A 325 5.30 -19.19 -5.56
CA LYS A 325 5.39 -20.09 -4.41
C LYS A 325 4.39 -19.73 -3.31
N ALA A 326 4.30 -18.45 -2.95
CA ALA A 326 3.31 -17.96 -1.99
C ALA A 326 1.85 -18.29 -2.40
N ARG A 327 1.62 -18.47 -3.68
CA ARG A 327 0.31 -18.79 -4.24
C ARG A 327 0.06 -20.31 -4.25
N GLY A 328 1.04 -21.08 -3.78
CA GLY A 328 0.97 -22.54 -3.85
C GLY A 328 1.14 -23.06 -5.27
N LYS A 329 1.90 -22.32 -6.08
CA LYS A 329 2.16 -22.73 -7.45
C LYS A 329 3.63 -23.07 -7.60
N PRO A 330 3.94 -23.98 -8.54
CA PRO A 330 5.34 -24.37 -8.79
C PRO A 330 6.18 -23.23 -9.38
N VAL A 331 7.45 -23.20 -9.01
CA VAL A 331 8.41 -22.19 -9.48
C VAL A 331 8.94 -22.54 -10.88
N ARG A 332 8.27 -22.07 -11.93
CA ARG A 332 8.69 -22.39 -13.31
C ARG A 332 8.71 -21.19 -14.25
N LEU A 333 9.72 -21.15 -15.12
CA LEU A 333 9.94 -20.05 -16.07
C LEU A 333 9.66 -20.46 -17.51
N ARG A 334 9.12 -19.52 -18.30
CA ARG A 334 8.75 -19.74 -19.70
C ARG A 334 7.81 -20.92 -19.91
#